data_9U8M
#
_entry.id   9U8M
#
_cell.length_a   74.863
_cell.length_b   70.410
_cell.length_c   76.524
_cell.angle_alpha   90.00
_cell.angle_beta   94.46
_cell.angle_gamma   90.00
#
_symmetry.space_group_name_H-M   'C 1 2 1'
#
loop_
_entity.id
_entity.type
_entity.pdbx_description
1 polymer nicotinamidase
2 non-polymer 'ZINC ION'
3 non-polymer [3-(phenylmethyl)imidazol-4-yl]methanimine
4 non-polymer 'FE (II) ION'
5 water water
#
_entity_poly.entity_id   1
_entity_poly.type   'polypeptide(L)'
_entity_poly.pdbx_seq_one_letter_code
;MDSPTPPIVIEDSNGSAMDACFTAFDKDSDDRLSLAEFSIICRALFRNDKGHIYDVPPERLEQIFAVFDTNGDGFIDREE
FKFCWNQWIKTIVRPVNAFLIVDVQNDFISGSLDISNCSAQQQGHEILEPINKLLDTVDFDAVFYSLDWHPSDHVSFIDN
VKMRPMDESSALDSDSAKVFDTVIFAGPPPMKQRLWPRHCVQDSWGAELHKDLKVVDHGIKVYKGTNPEVDSYSVFWDNK
KLSDTTLNAQLKMKGATDIYVCGLAYDVCVGATAVDALSAGYRTILIDDCCRGTDVHDIEHTKEKVNTSDGVIVHTNQVK
AMAEGRDRRPELGYKLAMELKSPDSVLSQRNGFRPSY
;
_entity_poly.pdbx_strand_id   A
#
# COMPACT_ATOMS: atom_id res chain seq x y z
N SER A 16 18.44 26.57 11.20
CA SER A 16 19.79 26.58 10.65
C SER A 16 19.76 25.92 9.28
N ALA A 17 20.37 24.74 9.17
CA ALA A 17 20.26 23.87 8.01
C ALA A 17 18.82 23.83 7.52
N MET A 18 18.55 24.46 6.39
CA MET A 18 17.21 24.89 6.01
C MET A 18 17.30 26.27 5.40
N ASP A 19 17.59 27.26 6.25
CA ASP A 19 18.02 28.55 5.73
C ASP A 19 19.20 28.35 4.81
N ALA A 20 20.13 27.47 5.19
CA ALA A 20 21.27 27.15 4.35
C ALA A 20 20.81 26.56 3.03
N CYS A 21 19.84 25.64 3.07
CA CYS A 21 19.31 25.08 1.84
C CYS A 21 18.59 26.16 1.05
N PHE A 22 17.71 26.93 1.69
CA PHE A 22 17.01 27.98 0.96
C PHE A 22 18.02 28.92 0.32
N THR A 23 19.04 29.30 1.07
CA THR A 23 20.07 30.21 0.55
C THR A 23 20.72 29.63 -0.70
N ALA A 24 21.01 28.33 -0.69
CA ALA A 24 21.78 27.72 -1.76
C ALA A 24 21.00 27.58 -3.05
N PHE A 25 19.67 27.63 -3.00
CA PHE A 25 18.86 27.57 -4.21
C PHE A 25 18.25 28.90 -4.57
N ASP A 26 18.43 29.93 -3.73
CA ASP A 26 17.99 31.28 -4.06
C ASP A 26 19.10 31.92 -4.90
N LYS A 27 19.14 31.54 -6.19
CA LYS A 27 20.08 32.13 -7.13
C LYS A 27 19.84 33.63 -7.23
N ASP A 28 18.65 34.03 -7.70
CA ASP A 28 18.12 35.39 -7.66
C ASP A 28 18.75 36.23 -6.54
N SER A 29 19.07 35.60 -5.41
CA SER A 29 19.51 36.28 -4.20
C SER A 29 18.47 37.25 -3.68
N ASP A 30 17.25 37.18 -4.21
CA ASP A 30 16.17 38.10 -3.85
C ASP A 30 15.32 37.57 -2.70
N ASP A 31 15.82 36.60 -1.92
CA ASP A 31 15.13 36.08 -0.74
C ASP A 31 13.81 35.40 -1.08
N ARG A 32 13.64 35.01 -2.34
CA ARG A 32 12.47 34.31 -2.82
C ARG A 32 12.92 33.12 -3.67
N LEU A 33 11.98 32.23 -3.97
CA LEU A 33 12.25 31.07 -4.83
C LEU A 33 11.27 31.13 -5.99
N SER A 34 11.79 31.35 -7.19
CA SER A 34 10.95 31.25 -8.37
C SER A 34 10.69 29.81 -8.70
N LEU A 35 9.75 29.57 -9.61
CA LEU A 35 9.54 28.24 -10.16
C LEU A 35 10.84 27.68 -10.71
N ALA A 36 11.63 28.52 -11.40
CA ALA A 36 12.86 28.02 -11.99
C ALA A 36 13.85 27.55 -10.93
N GLU A 37 13.99 28.31 -9.85
CA GLU A 37 14.90 27.89 -8.80
C GLU A 37 14.36 26.67 -8.07
N PHE A 38 13.03 26.57 -7.95
CA PHE A 38 12.41 25.38 -7.38
C PHE A 38 12.67 24.15 -8.24
N SER A 39 12.55 24.27 -9.57
CA SER A 39 12.86 23.14 -10.44
C SER A 39 14.26 22.61 -10.17
N ILE A 40 15.20 23.47 -9.76
CA ILE A 40 16.53 22.97 -9.45
C ILE A 40 16.52 22.18 -8.14
N ILE A 41 15.70 22.61 -7.17
CA ILE A 41 15.51 21.82 -5.96
C ILE A 41 14.98 20.44 -6.31
N CYS A 42 14.01 20.37 -7.22
CA CYS A 42 13.47 19.07 -7.57
C CYS A 42 14.52 18.18 -8.19
N ARG A 43 15.46 18.74 -8.95
CA ARG A 43 16.44 17.88 -9.61
C ARG A 43 17.45 17.37 -8.61
N ALA A 44 17.70 18.15 -7.57
CA ALA A 44 18.51 17.68 -6.45
C ALA A 44 17.77 16.57 -5.69
N LEU A 45 16.45 16.65 -5.62
CA LEU A 45 15.70 15.72 -4.77
C LEU A 45 15.44 14.38 -5.45
N PHE A 46 14.93 14.40 -6.68
CA PHE A 46 14.39 13.20 -7.30
C PHE A 46 15.45 12.60 -8.23
N ARG A 47 16.31 11.78 -7.64
CA ARG A 47 17.37 11.06 -8.32
C ARG A 47 17.68 9.80 -7.53
N ASN A 48 18.43 8.88 -8.14
CA ASN A 48 18.99 7.81 -7.34
C ASN A 48 20.50 8.01 -7.20
N ASP A 49 21.15 7.09 -6.47
CA ASP A 49 22.59 7.20 -6.27
C ASP A 49 23.35 6.23 -7.16
N LYS A 50 22.70 5.75 -8.21
CA LYS A 50 23.27 4.90 -9.24
C LYS A 50 23.45 5.72 -10.52
N GLY A 51 23.32 7.05 -10.40
CA GLY A 51 23.62 7.98 -11.45
C GLY A 51 22.46 8.47 -12.28
N HIS A 52 21.22 8.24 -11.84
CA HIS A 52 20.04 8.62 -12.61
C HIS A 52 19.33 9.79 -11.93
N ILE A 53 18.91 10.76 -12.73
CA ILE A 53 18.07 11.89 -12.30
C ILE A 53 16.71 11.70 -12.93
N TYR A 54 15.66 11.68 -12.10
CA TYR A 54 14.32 11.39 -12.60
C TYR A 54 13.73 12.63 -13.28
N ASP A 55 12.89 12.38 -14.29
CA ASP A 55 12.24 13.43 -15.04
C ASP A 55 10.91 13.79 -14.40
N VAL A 56 10.73 15.07 -14.10
CA VAL A 56 9.50 15.58 -13.52
C VAL A 56 8.80 16.42 -14.60
N PRO A 57 7.60 16.04 -15.04
CA PRO A 57 6.91 16.83 -16.07
C PRO A 57 6.74 18.27 -15.64
N PRO A 58 6.96 19.23 -16.54
CA PRO A 58 6.86 20.63 -16.13
C PRO A 58 5.51 20.94 -15.52
N GLU A 59 4.43 20.37 -16.06
CA GLU A 59 3.11 20.57 -15.48
C GLU A 59 3.10 20.15 -14.02
N ARG A 60 3.59 18.96 -13.71
CA ARG A 60 3.63 18.53 -12.32
C ARG A 60 4.53 19.42 -11.48
N LEU A 61 5.61 19.91 -12.08
CA LEU A 61 6.49 20.87 -11.41
C LEU A 61 5.70 22.05 -10.84
N GLU A 62 4.87 22.68 -11.67
CA GLU A 62 4.11 23.84 -11.20
C GLU A 62 3.02 23.43 -10.22
N GLN A 63 2.44 22.24 -10.41
CA GLN A 63 1.45 21.75 -9.46
C GLN A 63 2.04 21.68 -8.04
N ILE A 64 3.24 21.11 -7.91
CA ILE A 64 3.94 21.06 -6.63
C ILE A 64 4.27 22.46 -6.14
N PHE A 65 4.90 23.26 -7.00
CA PHE A 65 5.25 24.63 -6.67
C PHE A 65 4.05 25.39 -6.10
N ALA A 66 2.90 25.29 -6.76
CA ALA A 66 1.74 26.04 -6.32
C ALA A 66 1.24 25.58 -4.94
N VAL A 67 1.56 24.35 -4.53
CA VAL A 67 1.20 23.92 -3.18
C VAL A 67 1.92 24.78 -2.16
N PHE A 68 3.20 25.08 -2.40
CA PHE A 68 3.99 25.75 -1.39
C PHE A 68 3.97 27.25 -1.55
N ASP A 69 3.48 27.77 -2.67
CA ASP A 69 3.29 29.21 -2.86
C ASP A 69 1.89 29.53 -2.38
N THR A 70 1.75 29.55 -1.05
CA THR A 70 0.44 29.53 -0.42
C THR A 70 -0.39 30.77 -0.70
N ASN A 71 0.23 31.89 -1.09
CA ASN A 71 -0.53 33.09 -1.42
C ASN A 71 -0.79 33.28 -2.90
N GLY A 72 -0.02 32.62 -3.77
CA GLY A 72 -0.17 32.79 -5.20
C GLY A 72 0.68 33.90 -5.81
N ASP A 73 1.67 34.40 -5.09
CA ASP A 73 2.54 35.46 -5.61
C ASP A 73 3.48 34.97 -6.71
N GLY A 74 3.47 33.68 -7.07
CA GLY A 74 4.43 33.16 -8.03
C GLY A 74 5.83 32.94 -7.47
N PHE A 75 6.01 33.01 -6.16
CA PHE A 75 7.29 32.83 -5.49
C PHE A 75 7.07 32.05 -4.20
N ILE A 76 8.12 31.37 -3.73
CA ILE A 76 8.15 30.72 -2.42
C ILE A 76 9.16 31.48 -1.59
N ASP A 77 8.68 32.27 -0.63
CA ASP A 77 9.59 33.04 0.21
C ASP A 77 10.05 32.19 1.39
N ARG A 78 10.89 32.77 2.24
CA ARG A 78 11.42 32.00 3.38
C ARG A 78 10.35 31.69 4.40
N GLU A 79 9.24 32.43 4.41
CA GLU A 79 8.13 32.08 5.30
C GLU A 79 7.33 30.91 4.74
N GLU A 80 7.02 30.93 3.43
CA GLU A 80 6.33 29.80 2.82
C GLU A 80 7.19 28.54 2.83
N PHE A 81 8.51 28.68 2.70
CA PHE A 81 9.43 27.54 2.59
C PHE A 81 9.49 26.67 3.84
N LYS A 82 9.11 27.23 5.00
CA LYS A 82 9.12 26.46 6.24
C LYS A 82 8.27 25.19 6.10
N PHE A 83 7.06 25.36 5.56
CA PHE A 83 6.15 24.26 5.32
C PHE A 83 6.76 23.26 4.37
N CYS A 84 7.43 23.77 3.33
CA CYS A 84 8.06 22.93 2.31
C CYS A 84 9.18 22.11 2.91
N TRP A 85 10.06 22.75 3.69
CA TRP A 85 11.19 22.04 4.28
C TRP A 85 10.75 20.99 5.30
N ASN A 86 9.86 21.38 6.21
CA ASN A 86 9.53 20.52 7.32
C ASN A 86 8.67 19.34 6.89
N GLN A 87 7.73 19.56 5.97
CA GLN A 87 6.72 18.56 5.68
C GLN A 87 6.87 17.88 4.33
N TRP A 88 7.69 18.43 3.43
CA TRP A 88 7.88 17.79 2.14
C TRP A 88 9.32 17.33 1.97
N ILE A 89 10.28 18.25 1.99
CA ILE A 89 11.68 17.88 1.75
C ILE A 89 12.16 16.87 2.79
N LYS A 90 11.83 17.07 4.06
CA LYS A 90 12.33 16.16 5.08
C LYS A 90 11.81 14.72 4.89
N THR A 91 10.57 14.57 4.45
CA THR A 91 10.06 13.21 4.26
C THR A 91 10.67 12.56 3.03
N ILE A 92 10.96 13.36 2.00
CA ILE A 92 11.52 12.80 0.77
C ILE A 92 12.93 12.28 1.04
N VAL A 93 13.69 13.01 1.85
CA VAL A 93 15.08 12.67 2.10
C VAL A 93 15.21 11.64 3.23
N ARG A 94 14.29 11.63 4.19
CA ARG A 94 14.36 10.69 5.32
C ARG A 94 12.95 10.16 5.58
N PRO A 95 12.46 9.31 4.69
CA PRO A 95 11.16 8.71 4.93
C PRO A 95 11.17 7.78 6.12
N VAL A 96 9.99 7.61 6.71
CA VAL A 96 9.77 6.70 7.81
C VAL A 96 8.97 5.53 7.22
N ASN A 97 9.59 4.36 7.18
CA ASN A 97 9.16 3.27 6.31
C ASN A 97 8.50 2.18 7.13
N ALA A 98 7.30 1.80 6.72
CA ALA A 98 6.65 0.61 7.26
C ALA A 98 6.62 -0.46 6.19
N PHE A 99 6.88 -1.70 6.59
CA PHE A 99 6.80 -2.87 5.73
C PHE A 99 5.55 -3.63 6.11
N LEU A 100 4.71 -3.91 5.12
CA LEU A 100 3.41 -4.53 5.35
C LEU A 100 3.35 -5.82 4.53
N ILE A 101 3.36 -6.94 5.24
CA ILE A 101 3.42 -8.28 4.64
C ILE A 101 2.02 -8.90 4.74
N VAL A 102 1.32 -9.01 3.62
CA VAL A 102 -0.11 -9.29 3.60
C VAL A 102 -0.36 -10.79 3.42
N ASP A 103 -0.94 -11.41 4.45
CA ASP A 103 -1.61 -12.72 4.33
C ASP A 103 -0.69 -13.81 3.79
N VAL A 104 0.51 -13.88 4.31
CA VAL A 104 1.43 -14.91 3.87
C VAL A 104 1.15 -16.12 4.76
N GLN A 105 -0.02 -16.74 4.51
CA GLN A 105 -0.62 -17.75 5.37
C GLN A 105 -0.78 -19.08 4.62
N ASN A 106 -0.79 -20.14 5.41
CA ASN A 106 -0.78 -21.51 4.89
C ASN A 106 -1.89 -21.75 3.88
N ASP A 107 -3.09 -21.28 4.17
CA ASP A 107 -4.18 -21.59 3.25
C ASP A 107 -4.00 -20.94 1.89
N PHE A 108 -3.21 -19.85 1.79
CA PHE A 108 -3.01 -19.22 0.50
C PHE A 108 -1.78 -19.74 -0.23
N ILE A 109 -0.98 -20.59 0.39
CA ILE A 109 0.24 -21.13 -0.23
C ILE A 109 0.11 -22.64 -0.53
N SER A 110 -0.29 -23.42 0.47
CA SER A 110 -0.50 -24.86 0.26
C SER A 110 -1.82 -25.43 0.75
N GLY A 111 -2.71 -24.64 1.35
CA GLY A 111 -3.95 -25.23 1.91
C GLY A 111 -5.16 -25.04 1.01
N SER A 112 -6.29 -24.66 1.61
CA SER A 112 -7.57 -24.66 0.92
C SER A 112 -7.67 -23.65 -0.20
N LEU A 113 -6.78 -22.66 -0.28
CA LEU A 113 -6.84 -21.62 -1.30
C LEU A 113 -5.45 -21.34 -1.89
N ASP A 114 -4.65 -22.40 -2.02
CA ASP A 114 -3.36 -22.42 -2.74
C ASP A 114 -3.44 -21.58 -4.02
N ILE A 115 -2.72 -20.43 -4.07
CA ILE A 115 -2.86 -19.56 -5.24
C ILE A 115 -2.34 -20.24 -6.49
N SER A 116 -1.44 -21.21 -6.34
CA SER A 116 -0.90 -21.91 -7.50
C SER A 116 -1.97 -22.74 -8.20
N ASN A 117 -3.11 -22.98 -7.54
CA ASN A 117 -4.24 -23.62 -8.20
C ASN A 117 -5.21 -22.62 -8.82
N CYS A 118 -5.00 -21.30 -8.66
CA CYS A 118 -5.84 -20.37 -9.39
C CYS A 118 -5.43 -20.33 -10.86
N SER A 119 -6.18 -19.56 -11.65
CA SER A 119 -5.95 -19.49 -13.08
C SER A 119 -4.51 -19.15 -13.47
N ALA A 120 -3.87 -18.18 -12.80
CA ALA A 120 -2.53 -17.77 -13.24
C ALA A 120 -1.44 -18.79 -12.86
N GLN A 121 -1.76 -19.81 -12.08
CA GLN A 121 -0.82 -20.85 -11.66
C GLN A 121 0.48 -20.31 -11.06
N GLN A 122 0.43 -19.18 -10.34
CA GLN A 122 1.63 -18.65 -9.72
C GLN A 122 1.89 -19.31 -8.38
N GLN A 123 3.18 -19.45 -8.03
CA GLN A 123 3.58 -20.22 -6.84
C GLN A 123 3.85 -19.28 -5.67
N GLY A 124 3.00 -19.34 -4.64
CA GLY A 124 3.09 -18.39 -3.54
C GLY A 124 4.28 -18.61 -2.65
N HIS A 125 4.80 -19.84 -2.60
CA HIS A 125 6.00 -20.06 -1.79
C HIS A 125 7.18 -19.22 -2.29
N GLU A 126 7.16 -18.74 -3.54
CA GLU A 126 8.32 -18.06 -4.11
C GLU A 126 8.57 -16.68 -3.49
N ILE A 127 7.55 -16.10 -2.84
CA ILE A 127 7.75 -14.77 -2.27
C ILE A 127 8.51 -14.84 -0.96
N LEU A 128 8.68 -16.03 -0.41
CA LEU A 128 9.24 -16.16 0.93
C LEU A 128 10.71 -15.75 0.93
N GLU A 129 11.47 -16.19 -0.06
CA GLU A 129 12.88 -15.83 -0.12
C GLU A 129 13.09 -14.32 -0.19
N PRO A 130 12.56 -13.60 -1.18
CA PRO A 130 12.82 -12.13 -1.20
C PRO A 130 12.26 -11.39 -0.01
N ILE A 131 11.14 -11.83 0.59
CA ILE A 131 10.62 -11.13 1.76
C ILE A 131 11.60 -11.27 2.91
N ASN A 132 12.12 -12.49 3.11
CA ASN A 132 13.04 -12.73 4.21
C ASN A 132 14.31 -11.95 4.00
N LYS A 133 14.74 -11.80 2.75
CA LYS A 133 15.95 -11.07 2.46
C LYS A 133 15.76 -9.60 2.77
N LEU A 134 14.60 -9.03 2.43
CA LEU A 134 14.30 -7.66 2.81
C LEU A 134 14.32 -7.50 4.32
N LEU A 135 13.66 -8.42 5.03
CA LEU A 135 13.69 -8.40 6.49
C LEU A 135 15.11 -8.50 7.03
N ASP A 136 16.03 -9.09 6.27
CA ASP A 136 17.39 -9.26 6.75
C ASP A 136 18.29 -8.09 6.43
N THR A 137 17.91 -7.25 5.48
CA THR A 137 18.81 -6.27 4.89
C THR A 137 18.31 -4.84 4.96
N VAL A 138 17.04 -4.61 5.29
CA VAL A 138 16.49 -3.26 5.28
C VAL A 138 15.96 -2.95 6.66
N ASP A 139 16.37 -1.80 7.20
CA ASP A 139 16.04 -1.47 8.57
C ASP A 139 14.75 -0.63 8.56
N PHE A 140 13.62 -1.33 8.45
CA PHE A 140 12.33 -0.67 8.45
C PHE A 140 12.00 -0.09 9.83
N ASP A 141 11.26 1.02 9.83
CA ASP A 141 10.80 1.62 11.07
C ASP A 141 9.65 0.84 11.73
N ALA A 142 8.92 0.05 10.96
CA ALA A 142 7.92 -0.84 11.51
C ALA A 142 7.69 -1.95 10.50
N VAL A 143 7.35 -3.13 11.01
CA VAL A 143 7.04 -4.28 10.17
C VAL A 143 5.72 -4.83 10.66
N PHE A 144 4.72 -4.88 9.78
CA PHE A 144 3.42 -5.46 10.09
C PHE A 144 3.20 -6.71 9.25
N TYR A 145 2.58 -7.72 9.88
CA TYR A 145 2.14 -8.96 9.22
C TYR A 145 0.65 -9.03 9.37
N SER A 146 -0.09 -9.05 8.24
CA SER A 146 -1.54 -9.19 8.38
C SER A 146 -1.90 -10.66 8.33
N LEU A 147 -3.02 -10.98 8.98
CA LEU A 147 -3.55 -12.33 8.98
C LEU A 147 -5.04 -12.27 8.73
N ASP A 148 -5.49 -12.92 7.66
CA ASP A 148 -6.91 -13.19 7.46
C ASP A 148 -7.34 -14.05 8.64
N TRP A 149 -8.45 -13.70 9.27
CA TRP A 149 -8.72 -14.30 10.62
C TRP A 149 -10.22 -14.51 10.76
N HIS A 150 -10.75 -15.49 10.02
CA HIS A 150 -12.18 -15.61 9.81
C HIS A 150 -12.82 -16.54 10.85
N PRO A 151 -13.97 -16.17 11.37
CA PRO A 151 -14.80 -17.15 12.11
C PRO A 151 -15.41 -18.18 11.17
N SER A 152 -15.77 -19.34 11.74
CA SER A 152 -16.22 -20.44 10.88
C SER A 152 -17.47 -20.09 10.10
N ASP A 153 -18.30 -19.20 10.64
CA ASP A 153 -19.55 -18.80 10.01
C ASP A 153 -19.39 -17.60 9.09
N HIS A 154 -18.17 -17.32 8.63
CA HIS A 154 -17.94 -16.12 7.84
C HIS A 154 -18.68 -16.10 6.51
N VAL A 155 -19.17 -14.92 6.15
CA VAL A 155 -19.92 -14.70 4.90
C VAL A 155 -19.12 -15.06 3.64
N SER A 156 -17.78 -15.12 3.70
CA SER A 156 -17.02 -15.30 2.45
C SER A 156 -16.86 -16.76 2.03
N PHE A 157 -17.38 -17.69 2.81
CA PHE A 157 -17.23 -19.11 2.52
C PHE A 157 -18.42 -19.68 1.74
N ILE A 158 -18.10 -20.46 0.71
CA ILE A 158 -19.13 -21.26 0.05
C ILE A 158 -19.95 -22.05 1.07
N ASP A 159 -19.29 -22.51 2.16
CA ASP A 159 -19.98 -23.35 3.15
C ASP A 159 -21.21 -22.68 3.73
N ASN A 160 -21.23 -21.34 3.82
CA ASN A 160 -22.22 -20.64 4.62
C ASN A 160 -23.24 -19.91 3.80
N VAL A 161 -23.23 -20.10 2.48
CA VAL A 161 -24.10 -19.33 1.60
C VAL A 161 -25.57 -19.46 2.03
N LYS A 162 -25.93 -20.59 2.66
CA LYS A 162 -27.33 -20.76 3.07
C LYS A 162 -27.68 -20.03 4.36
N MET A 163 -26.69 -19.65 5.16
CA MET A 163 -26.96 -18.98 6.43
C MET A 163 -27.55 -17.58 6.27
N ARG A 164 -27.41 -16.93 5.11
CA ARG A 164 -27.77 -15.52 5.04
C ARG A 164 -28.67 -15.25 3.84
N PRO A 165 -29.74 -14.47 4.02
CA PRO A 165 -30.66 -14.25 2.90
C PRO A 165 -29.98 -13.54 1.74
N MET A 166 -30.30 -14.01 0.54
CA MET A 166 -29.73 -13.51 -0.69
C MET A 166 -30.59 -12.37 -1.21
N ASP A 167 -29.94 -11.43 -1.89
CA ASP A 167 -30.64 -10.27 -2.41
C ASP A 167 -31.36 -10.62 -3.71
N GLU A 168 -32.47 -9.92 -3.95
CA GLU A 168 -33.20 -10.06 -5.20
C GLU A 168 -32.36 -9.69 -6.40
N SER A 169 -31.30 -8.90 -6.20
CA SER A 169 -30.39 -8.54 -7.29
C SER A 169 -29.42 -9.66 -7.70
N SER A 170 -29.30 -10.73 -6.92
CA SER A 170 -28.27 -11.73 -7.15
C SER A 170 -28.68 -12.75 -8.21
N ALA A 171 -27.75 -13.02 -9.13
CA ALA A 171 -28.03 -13.96 -10.22
C ALA A 171 -28.10 -15.40 -9.72
N LEU A 172 -27.37 -15.71 -8.67
CA LEU A 172 -27.21 -17.06 -8.15
C LEU A 172 -27.68 -17.07 -6.71
N ASP A 173 -28.34 -18.14 -6.30
CA ASP A 173 -28.75 -18.26 -4.91
C ASP A 173 -28.02 -19.42 -4.25
N SER A 174 -28.41 -19.71 -3.02
CA SER A 174 -27.71 -20.72 -2.24
C SER A 174 -27.70 -22.09 -2.92
N ASP A 175 -28.62 -22.35 -3.85
CA ASP A 175 -28.71 -23.69 -4.44
C ASP A 175 -27.90 -23.82 -5.73
N SER A 176 -27.63 -22.70 -6.41
CA SER A 176 -26.85 -22.71 -7.64
C SER A 176 -25.43 -22.20 -7.47
N ALA A 177 -25.09 -21.64 -6.32
CA ALA A 177 -23.80 -21.00 -6.16
C ALA A 177 -22.70 -22.04 -6.04
N LYS A 178 -21.58 -21.79 -6.69
CA LYS A 178 -20.41 -22.63 -6.59
C LYS A 178 -19.23 -21.80 -6.12
N VAL A 179 -18.23 -22.48 -5.56
CA VAL A 179 -17.01 -21.81 -5.15
C VAL A 179 -16.50 -20.94 -6.30
N PHE A 180 -16.07 -19.73 -5.95
CA PHE A 180 -15.51 -18.70 -6.81
C PHE A 180 -16.60 -17.93 -7.56
N ASP A 181 -17.87 -18.28 -7.42
CA ASP A 181 -18.93 -17.41 -7.92
C ASP A 181 -19.04 -16.17 -7.03
N THR A 182 -19.62 -15.13 -7.60
CA THR A 182 -19.95 -13.92 -6.85
C THR A 182 -21.46 -13.85 -6.65
N VAL A 183 -21.89 -13.76 -5.40
CA VAL A 183 -23.30 -13.62 -5.06
C VAL A 183 -23.49 -12.24 -4.42
N ILE A 184 -24.74 -11.88 -4.19
CA ILE A 184 -25.07 -10.60 -3.60
C ILE A 184 -26.04 -10.88 -2.48
N PHE A 185 -25.59 -10.69 -1.26
CA PHE A 185 -26.41 -10.92 -0.08
C PHE A 185 -27.32 -9.74 0.20
N ALA A 186 -28.49 -10.05 0.75
CA ALA A 186 -29.45 -9.04 1.14
C ALA A 186 -29.00 -8.47 2.48
N GLY A 187 -29.89 -8.45 3.48
CA GLY A 187 -29.62 -7.72 4.69
C GLY A 187 -29.15 -6.33 4.31
N PRO A 188 -29.99 -5.32 4.54
CA PRO A 188 -29.57 -4.06 3.93
C PRO A 188 -28.28 -3.52 4.57
N PRO A 189 -27.37 -2.93 3.77
CA PRO A 189 -27.46 -2.79 2.31
C PRO A 189 -27.06 -4.11 1.63
N PRO A 190 -27.39 -4.23 0.34
CA PRO A 190 -26.93 -5.40 -0.42
C PRO A 190 -25.42 -5.41 -0.46
N MET A 191 -24.84 -6.62 -0.55
CA MET A 191 -23.41 -6.79 -0.39
C MET A 191 -22.91 -7.87 -1.35
N LYS A 192 -22.06 -7.46 -2.28
CA LYS A 192 -21.40 -8.40 -3.18
C LYS A 192 -20.37 -9.19 -2.40
N GLN A 193 -20.23 -10.48 -2.74
CA GLN A 193 -19.26 -11.33 -2.06
C GLN A 193 -18.87 -12.44 -3.00
N ARG A 194 -17.56 -12.54 -3.26
CA ARG A 194 -17.04 -13.70 -3.96
C ARG A 194 -16.89 -14.86 -2.97
N LEU A 195 -17.35 -16.04 -3.35
CA LEU A 195 -17.34 -17.16 -2.42
C LEU A 195 -16.05 -17.97 -2.60
N TRP A 196 -15.42 -18.28 -1.49
CA TRP A 196 -14.13 -18.94 -1.42
C TRP A 196 -14.29 -20.27 -0.71
N PRO A 197 -13.36 -21.22 -0.88
CA PRO A 197 -13.33 -22.34 0.05
C PRO A 197 -13.12 -21.80 1.45
N ARG A 198 -13.56 -22.57 2.44
CA ARG A 198 -13.24 -22.28 3.83
C ARG A 198 -11.73 -22.09 3.98
N HIS A 199 -11.32 -20.94 4.55
CA HIS A 199 -9.91 -20.60 4.61
C HIS A 199 -9.64 -19.65 5.77
N CYS A 200 -8.39 -19.68 6.24
CA CYS A 200 -7.87 -18.85 7.32
C CYS A 200 -8.86 -18.70 8.46
N VAL A 201 -9.41 -19.83 8.89
CA VAL A 201 -10.28 -19.82 10.05
C VAL A 201 -9.44 -19.62 11.32
N GLN A 202 -9.98 -18.86 12.25
CA GLN A 202 -9.25 -18.51 13.45
C GLN A 202 -8.71 -19.74 14.17
N ASP A 203 -7.44 -19.64 14.56
CA ASP A 203 -6.70 -20.63 15.33
C ASP A 203 -6.40 -21.89 14.53
N SER A 204 -6.70 -21.92 13.23
CA SER A 204 -6.45 -23.09 12.38
C SER A 204 -5.05 -23.06 11.77
N TRP A 205 -4.58 -24.25 11.34
CA TRP A 205 -3.30 -24.37 10.60
C TRP A 205 -3.29 -23.48 9.38
N GLY A 206 -4.43 -23.40 8.68
CA GLY A 206 -4.51 -22.64 7.46
C GLY A 206 -4.36 -21.14 7.70
N ALA A 207 -4.68 -20.66 8.90
CA ALA A 207 -4.49 -19.24 9.23
C ALA A 207 -3.12 -18.91 9.80
N GLU A 208 -2.27 -19.89 10.06
CA GLU A 208 -0.93 -19.60 10.55
C GLU A 208 -0.09 -18.94 9.47
N LEU A 209 0.81 -18.06 9.90
CA LEU A 209 1.82 -17.59 8.97
C LEU A 209 2.66 -18.79 8.51
N HIS A 210 3.09 -18.77 7.25
CA HIS A 210 3.94 -19.83 6.74
C HIS A 210 5.16 -20.03 7.63
N LYS A 211 5.48 -21.30 7.91
CA LYS A 211 6.50 -21.63 8.90
C LYS A 211 7.88 -21.09 8.52
N ASP A 212 8.13 -20.87 7.23
CA ASP A 212 9.42 -20.38 6.78
C ASP A 212 9.48 -18.86 6.59
N LEU A 213 8.40 -18.15 6.94
CA LEU A 213 8.43 -16.70 6.95
C LEU A 213 9.08 -16.21 8.23
N LYS A 214 10.07 -15.33 8.11
CA LYS A 214 10.72 -14.75 9.28
C LYS A 214 9.77 -13.76 9.94
N VAL A 215 9.47 -13.98 11.22
CA VAL A 215 8.68 -13.06 12.02
C VAL A 215 9.68 -12.30 12.91
N VAL A 216 10.04 -11.08 12.52
CA VAL A 216 11.01 -10.33 13.30
C VAL A 216 10.41 -9.95 14.65
N ASP A 217 11.28 -9.80 15.65
CA ASP A 217 10.83 -9.62 17.03
C ASP A 217 9.98 -8.37 17.21
N HIS A 218 10.29 -7.30 16.49
CA HIS A 218 9.49 -6.08 16.59
C HIS A 218 8.25 -6.13 15.72
N GLY A 219 8.00 -7.25 15.02
CA GLY A 219 6.88 -7.31 14.11
C GLY A 219 5.55 -7.31 14.84
N ILE A 220 4.57 -6.69 14.18
CA ILE A 220 3.24 -6.48 14.75
C ILE A 220 2.24 -7.24 13.88
N LYS A 221 1.45 -8.12 14.51
CA LYS A 221 0.45 -8.84 13.76
C LYS A 221 -0.86 -8.07 13.77
N VAL A 222 -1.49 -7.96 12.60
CA VAL A 222 -2.77 -7.25 12.42
C VAL A 222 -3.78 -8.27 11.91
N TYR A 223 -4.87 -8.47 12.64
CA TYR A 223 -5.86 -9.48 12.28
C TYR A 223 -7.04 -8.81 11.62
N LYS A 224 -7.48 -9.34 10.46
CA LYS A 224 -8.59 -8.76 9.72
C LYS A 224 -9.60 -9.84 9.36
N GLY A 225 -10.78 -9.40 8.89
CA GLY A 225 -11.79 -10.35 8.43
C GLY A 225 -12.54 -11.02 9.56
N THR A 226 -12.53 -10.44 10.75
CA THR A 226 -13.08 -11.12 11.92
C THR A 226 -14.59 -10.98 12.08
N ASN A 227 -15.22 -10.04 11.39
CA ASN A 227 -16.68 -9.88 11.50
C ASN A 227 -17.39 -10.91 10.63
N PRO A 228 -18.22 -11.80 11.18
CA PRO A 228 -18.88 -12.82 10.35
C PRO A 228 -19.63 -12.24 9.17
N GLU A 229 -20.13 -11.02 9.30
CA GLU A 229 -21.03 -10.40 8.32
C GLU A 229 -20.32 -9.61 7.22
N VAL A 230 -19.01 -9.41 7.31
CA VAL A 230 -18.34 -8.59 6.29
C VAL A 230 -16.91 -9.09 6.11
N ASP A 231 -16.48 -9.16 4.88
CA ASP A 231 -15.11 -9.51 4.56
C ASP A 231 -14.23 -8.27 4.63
N SER A 232 -12.91 -8.51 4.70
CA SER A 232 -11.90 -7.45 4.70
C SER A 232 -10.66 -8.00 3.98
N TYR A 233 -10.64 -7.84 2.66
CA TYR A 233 -9.42 -8.14 1.91
C TYR A 233 -8.29 -7.21 2.31
N SER A 234 -8.61 -5.94 2.54
CA SER A 234 -7.61 -4.94 2.87
C SER A 234 -7.26 -5.01 4.35
N VAL A 235 -5.98 -4.74 4.68
CA VAL A 235 -5.55 -4.66 6.07
C VAL A 235 -6.01 -3.37 6.75
N PHE A 236 -6.58 -2.44 5.99
CA PHE A 236 -7.09 -1.17 6.50
C PHE A 236 -8.60 -1.32 6.74
N TRP A 237 -9.42 -0.98 5.74
CA TRP A 237 -10.88 -0.99 5.89
C TRP A 237 -11.46 -2.30 5.39
N ASP A 238 -12.60 -2.68 5.96
CA ASP A 238 -13.33 -3.82 5.46
C ASP A 238 -13.93 -3.49 4.10
N ASN A 239 -14.56 -4.49 3.48
CA ASN A 239 -14.98 -4.37 2.08
C ASN A 239 -16.11 -3.38 1.86
N LYS A 240 -16.80 -2.95 2.91
CA LYS A 240 -17.77 -1.90 2.79
C LYS A 240 -17.23 -0.54 3.20
N LYS A 241 -15.97 -0.48 3.60
CA LYS A 241 -15.37 0.77 4.10
C LYS A 241 -16.16 1.32 5.29
N LEU A 242 -16.69 0.44 6.14
CA LEU A 242 -17.35 0.88 7.37
C LEU A 242 -16.42 0.86 8.57
N SER A 243 -15.77 -0.27 8.83
CA SER A 243 -14.87 -0.39 9.96
C SER A 243 -13.46 -0.60 9.44
N ASP A 244 -12.48 -0.19 10.25
CA ASP A 244 -11.08 -0.42 9.92
C ASP A 244 -10.39 -1.08 11.10
N THR A 245 -9.28 -1.72 10.79
CA THR A 245 -8.36 -2.22 11.79
C THR A 245 -7.67 -1.04 12.47
N THR A 246 -6.87 -1.32 13.47
CA THR A 246 -6.06 -0.27 14.04
C THR A 246 -4.77 -0.05 13.25
N LEU A 247 -4.65 -0.56 12.02
CA LEU A 247 -3.38 -0.40 11.30
C LEU A 247 -3.05 1.08 11.12
N ASN A 248 -4.01 1.87 10.64
CA ASN A 248 -3.73 3.27 10.35
C ASN A 248 -3.31 4.00 11.63
N ALA A 249 -4.03 3.77 12.72
CA ALA A 249 -3.67 4.40 13.99
C ALA A 249 -2.26 4.00 14.43
N GLN A 250 -1.89 2.75 14.19
CA GLN A 250 -0.56 2.28 14.56
C GLN A 250 0.50 2.93 13.68
N LEU A 251 0.20 3.06 12.38
CA LEU A 251 1.13 3.74 11.47
C LEU A 251 1.38 5.18 11.92
N LYS A 252 0.32 5.90 12.27
CA LYS A 252 0.48 7.29 12.70
C LYS A 252 1.29 7.39 13.99
N MET A 253 1.12 6.45 14.91
CA MET A 253 1.91 6.48 16.13
C MET A 253 3.38 6.30 15.85
N LYS A 254 3.72 5.63 14.76
CA LYS A 254 5.12 5.46 14.40
C LYS A 254 5.66 6.57 13.52
N GLY A 255 4.81 7.51 13.12
CA GLY A 255 5.26 8.55 12.21
C GLY A 255 5.45 8.07 10.79
N ALA A 256 4.86 6.93 10.44
CA ALA A 256 5.09 6.35 9.12
C ALA A 256 4.64 7.30 8.01
N THR A 257 5.51 7.45 7.00
CA THR A 257 5.18 8.20 5.81
C THR A 257 5.02 7.33 4.58
N ASP A 258 5.75 6.22 4.51
CA ASP A 258 5.90 5.39 3.32
C ASP A 258 5.53 3.95 3.70
N ILE A 259 4.72 3.31 2.88
CA ILE A 259 4.29 1.95 3.14
C ILE A 259 4.76 1.07 1.99
N TYR A 260 5.57 0.05 2.32
CA TYR A 260 5.97 -0.98 1.37
C TYR A 260 5.07 -2.18 1.56
N VAL A 261 4.31 -2.53 0.52
CA VAL A 261 3.30 -3.58 0.57
C VAL A 261 3.72 -4.78 -0.27
N CYS A 262 3.54 -5.97 0.29
CA CYS A 262 3.75 -7.20 -0.45
C CYS A 262 2.81 -8.28 0.07
N GLY A 263 2.84 -9.42 -0.59
CA GLY A 263 2.27 -10.66 -0.09
C GLY A 263 1.29 -11.31 -1.03
N LEU A 264 0.17 -11.80 -0.47
CA LEU A 264 -0.79 -12.57 -1.26
C LEU A 264 -2.21 -12.10 -0.96
N ALA A 265 -3.11 -12.14 -1.94
CA ALA A 265 -2.84 -12.20 -3.36
C ALA A 265 -2.70 -10.81 -3.96
N TYR A 266 -1.79 -10.70 -4.94
CA TYR A 266 -1.48 -9.45 -5.64
C TYR A 266 -2.76 -8.71 -5.98
N ASP A 267 -3.66 -9.40 -6.67
CA ASP A 267 -4.84 -8.77 -7.25
C ASP A 267 -6.03 -8.67 -6.30
N VAL A 268 -5.95 -9.22 -5.10
CA VAL A 268 -7.08 -9.13 -4.17
C VAL A 268 -6.63 -8.39 -2.92
N CYS A 269 -6.01 -9.07 -1.95
CA CYS A 269 -5.75 -8.41 -0.68
C CYS A 269 -4.57 -7.43 -0.76
N VAL A 270 -3.52 -7.77 -1.50
CA VAL A 270 -2.41 -6.81 -1.61
C VAL A 270 -2.91 -5.55 -2.27
N GLY A 271 -3.62 -5.72 -3.39
CA GLY A 271 -4.09 -4.57 -4.13
C GLY A 271 -5.05 -3.72 -3.33
N ALA A 272 -6.03 -4.35 -2.67
CA ALA A 272 -6.95 -3.66 -1.79
C ALA A 272 -6.19 -2.85 -0.74
N THR A 273 -5.18 -3.46 -0.12
CA THR A 273 -4.41 -2.79 0.92
C THR A 273 -3.66 -1.60 0.35
N ALA A 274 -3.08 -1.76 -0.84
CA ALA A 274 -2.30 -0.71 -1.46
C ALA A 274 -3.17 0.48 -1.84
N VAL A 275 -4.36 0.20 -2.39
CA VAL A 275 -5.30 1.25 -2.72
C VAL A 275 -5.76 1.98 -1.46
N ASP A 276 -6.07 1.24 -0.37
CA ASP A 276 -6.45 1.92 0.86
C ASP A 276 -5.31 2.77 1.42
N ALA A 277 -4.07 2.27 1.36
CA ALA A 277 -2.96 3.07 1.82
C ALA A 277 -2.85 4.38 1.03
N LEU A 278 -3.04 4.33 -0.30
CA LEU A 278 -3.07 5.55 -1.10
C LEU A 278 -4.23 6.47 -0.68
N SER A 279 -5.43 5.89 -0.50
CA SER A 279 -6.56 6.67 -0.01
C SER A 279 -6.28 7.32 1.33
N ALA A 280 -5.57 6.62 2.21
CA ALA A 280 -5.23 7.14 3.52
C ALA A 280 -4.19 8.24 3.46
N GLY A 281 -3.54 8.42 2.32
CA GLY A 281 -2.60 9.50 2.11
C GLY A 281 -1.14 9.12 2.10
N TYR A 282 -0.82 7.82 2.14
CA TYR A 282 0.57 7.39 2.31
C TYR A 282 1.26 7.34 0.96
N ARG A 283 2.56 7.63 0.98
CA ARG A 283 3.42 7.23 -0.11
C ARG A 283 3.50 5.70 -0.13
N THR A 284 3.11 5.11 -1.25
CA THR A 284 2.84 3.67 -1.27
C THR A 284 3.66 2.99 -2.35
N ILE A 285 4.34 1.90 -1.96
CA ILE A 285 5.28 1.15 -2.81
C ILE A 285 4.85 -0.32 -2.82
N LEU A 286 4.53 -0.86 -3.99
CA LEU A 286 4.19 -2.27 -4.11
C LEU A 286 5.40 -3.02 -4.65
N ILE A 287 5.85 -4.03 -3.92
CA ILE A 287 7.06 -4.80 -4.27
C ILE A 287 6.61 -6.01 -5.09
N ASP A 288 6.65 -5.85 -6.41
CA ASP A 288 6.09 -6.82 -7.37
C ASP A 288 6.55 -8.26 -7.11
N ASP A 289 7.85 -8.50 -7.02
CA ASP A 289 8.32 -9.89 -6.97
C ASP A 289 8.13 -10.50 -5.58
N CYS A 290 7.71 -9.73 -4.60
CA CYS A 290 7.30 -10.25 -3.32
C CYS A 290 5.80 -10.52 -3.29
N CYS A 291 5.15 -10.49 -4.46
CA CYS A 291 3.73 -10.77 -4.57
C CYS A 291 3.50 -11.84 -5.63
N ARG A 292 2.40 -12.58 -5.45
CA ARG A 292 1.84 -13.42 -6.49
C ARG A 292 0.33 -13.20 -6.49
N GLY A 293 -0.29 -13.44 -7.66
CA GLY A 293 -1.72 -13.19 -7.82
C GLY A 293 -2.41 -14.40 -8.42
N THR A 294 -3.72 -14.24 -8.62
CA THR A 294 -4.56 -15.33 -9.07
C THR A 294 -4.90 -15.27 -10.54
N ASP A 295 -4.71 -14.11 -11.17
CA ASP A 295 -5.23 -13.90 -12.52
C ASP A 295 -4.42 -12.81 -13.19
N VAL A 296 -3.82 -13.12 -14.35
CA VAL A 296 -2.90 -12.19 -15.00
C VAL A 296 -3.60 -10.85 -15.29
N HIS A 297 -4.84 -10.90 -15.75
CA HIS A 297 -5.52 -9.67 -16.13
C HIS A 297 -5.87 -8.81 -14.90
N ASP A 298 -6.28 -9.44 -13.81
CA ASP A 298 -6.60 -8.66 -12.61
C ASP A 298 -5.33 -8.12 -11.95
N ILE A 299 -4.21 -8.82 -12.07
CA ILE A 299 -2.93 -8.28 -11.59
C ILE A 299 -2.58 -7.00 -12.35
N GLU A 300 -2.75 -7.02 -13.67
CA GLU A 300 -2.42 -5.82 -14.43
C GLU A 300 -3.37 -4.67 -14.10
N HIS A 301 -4.64 -4.97 -13.86
CA HIS A 301 -5.56 -3.93 -13.42
C HIS A 301 -5.16 -3.37 -12.05
N THR A 302 -4.67 -4.23 -11.15
CA THR A 302 -4.18 -3.74 -9.87
C THR A 302 -2.99 -2.80 -10.07
N LYS A 303 -2.05 -3.18 -10.93
CA LYS A 303 -0.89 -2.34 -11.18
C LYS A 303 -1.31 -0.97 -11.70
N GLU A 304 -2.22 -0.95 -12.67
CA GLU A 304 -2.71 0.32 -13.22
C GLU A 304 -3.31 1.21 -12.13
N LYS A 305 -4.06 0.61 -11.21
CA LYS A 305 -4.68 1.35 -10.14
C LYS A 305 -3.63 2.02 -9.26
N VAL A 306 -2.64 1.25 -8.81
CA VAL A 306 -1.58 1.82 -8.00
C VAL A 306 -0.83 2.89 -8.78
N ASN A 307 -0.52 2.63 -10.08
CA ASN A 307 0.29 3.60 -10.81
C ASN A 307 -0.47 4.89 -11.05
N THR A 308 -1.77 4.79 -11.33
CA THR A 308 -2.59 5.95 -11.63
C THR A 308 -2.87 6.81 -10.40
N SER A 309 -2.75 6.27 -9.20
CA SER A 309 -2.91 7.05 -7.97
C SER A 309 -1.58 7.45 -7.35
N ASP A 310 -0.50 7.44 -8.14
CA ASP A 310 0.83 7.88 -7.76
C ASP A 310 1.51 7.01 -6.71
N GLY A 311 1.13 5.74 -6.59
CA GLY A 311 2.00 4.75 -5.99
C GLY A 311 3.09 4.36 -6.98
N VAL A 312 4.05 3.54 -6.53
CA VAL A 312 5.06 3.00 -7.44
C VAL A 312 5.17 1.50 -7.24
N ILE A 313 5.56 0.81 -8.31
CA ILE A 313 5.77 -0.63 -8.29
C ILE A 313 7.23 -0.90 -8.62
N VAL A 314 7.89 -1.68 -7.76
CA VAL A 314 9.35 -1.85 -7.76
C VAL A 314 9.71 -3.31 -7.51
N HIS A 315 10.97 -3.65 -7.77
CA HIS A 315 11.52 -4.97 -7.50
C HIS A 315 12.26 -4.96 -6.15
N THR A 316 12.29 -6.11 -5.50
CA THR A 316 12.99 -6.27 -4.20
C THR A 316 14.33 -5.53 -4.18
N ASN A 317 15.11 -5.63 -5.27
CA ASN A 317 16.47 -5.10 -5.30
C ASN A 317 16.52 -3.57 -5.24
N GLN A 318 15.41 -2.89 -5.47
CA GLN A 318 15.34 -1.43 -5.37
C GLN A 318 14.96 -0.94 -3.98
N VAL A 319 14.46 -1.81 -3.12
CA VAL A 319 13.82 -1.35 -1.88
C VAL A 319 14.84 -0.69 -0.93
N LYS A 320 16.03 -1.27 -0.78
CA LYS A 320 16.91 -0.78 0.28
C LYS A 320 17.31 0.69 0.07
N ALA A 321 17.64 1.01 -1.17
CA ALA A 321 18.07 2.36 -1.48
C ALA A 321 16.92 3.35 -1.38
N MET A 322 15.69 2.89 -1.68
CA MET A 322 14.52 3.75 -1.52
C MET A 322 14.25 4.04 -0.06
N ALA A 323 14.27 3.00 0.78
CA ALA A 323 13.94 3.18 2.18
C ALA A 323 14.98 4.04 2.91
N GLU A 324 16.24 3.93 2.49
CA GLU A 324 17.34 4.70 3.07
C GLU A 324 17.40 6.13 2.52
N GLY A 325 16.53 6.48 1.57
CA GLY A 325 16.52 7.82 1.04
C GLY A 325 17.62 8.10 0.02
N ARG A 326 18.20 7.05 -0.57
CA ARG A 326 19.20 7.20 -1.63
C ARG A 326 18.60 7.11 -3.02
N ASP A 327 17.38 6.60 -3.13
CA ASP A 327 16.63 6.56 -4.38
C ASP A 327 15.29 7.20 -4.06
N ARG A 328 15.11 8.46 -4.45
CA ARG A 328 13.94 9.25 -4.06
C ARG A 328 13.07 9.50 -5.30
N ARG A 329 11.94 8.84 -5.33
CA ARG A 329 11.10 8.80 -6.52
C ARG A 329 10.18 10.02 -6.57
N PRO A 330 10.02 10.59 -7.77
CA PRO A 330 9.18 11.78 -7.93
C PRO A 330 7.67 11.50 -7.84
N GLU A 331 7.23 10.27 -8.16
CA GLU A 331 5.83 9.95 -7.98
C GLU A 331 5.45 10.09 -6.52
N LEU A 332 6.34 9.65 -5.63
CA LEU A 332 6.09 9.72 -4.20
C LEU A 332 6.21 11.15 -3.69
N GLY A 333 7.14 11.91 -4.26
CA GLY A 333 7.19 13.34 -3.96
C GLY A 333 5.94 14.09 -4.41
N TYR A 334 5.41 13.74 -5.56
CA TYR A 334 4.17 14.35 -6.02
C TYR A 334 2.99 13.95 -5.12
N LYS A 335 2.89 12.66 -4.81
CA LYS A 335 1.85 12.19 -3.89
C LYS A 335 1.81 13.06 -2.64
N LEU A 336 2.97 13.25 -2.02
CA LEU A 336 3.01 13.96 -0.75
C LEU A 336 2.65 15.43 -0.92
N ALA A 337 3.09 16.07 -2.00
CA ALA A 337 2.74 17.47 -2.21
C ALA A 337 1.24 17.63 -2.43
N MET A 338 0.62 16.68 -3.14
CA MET A 338 -0.83 16.74 -3.34
C MET A 338 -1.57 16.51 -2.03
N GLU A 339 -1.04 15.65 -1.15
CA GLU A 339 -1.65 15.45 0.17
C GLU A 339 -1.47 16.66 1.08
N LEU A 340 -0.37 17.41 0.93
CA LEU A 340 -0.15 18.59 1.75
C LEU A 340 -1.08 19.74 1.38
N LYS A 341 -1.83 19.64 0.29
CA LYS A 341 -2.83 20.67 -0.01
C LYS A 341 -3.82 20.80 1.13
N SER A 342 -4.02 19.72 1.88
CA SER A 342 -4.98 19.67 2.98
C SER A 342 -4.32 19.08 4.24
#